data_3M1T
#
_entry.id   3M1T
#
_cell.length_a   69.729
_cell.length_b   69.729
_cell.length_c   124.569
_cell.angle_alpha   90.000
_cell.angle_beta   90.000
_cell.angle_gamma   120.000
#
_symmetry.space_group_name_H-M   'P 31 2 1'
#
loop_
_entity.id
_entity.type
_entity.pdbx_description
1 polymer 'Putative phosphohydrolase'
2 non-polymer GLYCEROL
3 water water
#
_entity_poly.entity_id   1
_entity_poly.type   'polypeptide(L)'
_entity_poly.pdbx_seq_one_letter_code
;G(MSE)HSAALLQKVDELPRLPKAIAELLDVVNNEDSTVKAVSEKLSHDPVLSARVLRLANSARFGCSREVGTIDDAVVR
LG(MSE)QTLRTLVIASAVVGAVPKVEGFDLADFWGNTFEVAIICQELAKRLGTLPEEAFTCGILHSIGELLIVNGDPAV
AATISAAVADGADRNL(MSE)EKELLGYDNAEIGALLAQSWKFTPHLVKGIQFQNHPKSAEPYSKLAG(MSE)LA(MSE)
AKQIAADWDKIPDDERTSWLAQINILAGIKVDLGGLAEKLAK(MSE)HGQG(MSE)E(MSE)GKQLA
;
_entity_poly.pdbx_strand_id   A
#
loop_
_chem_comp.id
_chem_comp.type
_chem_comp.name
_chem_comp.formula
GOL non-polymer GLYCEROL 'C3 H8 O3'
#
# COMPACT_ATOMS: atom_id res chain seq x y z
N GLY A 1 13.21 15.04 2.32
CA GLY A 1 12.89 14.41 3.64
C GLY A 1 11.55 14.84 4.19
N MSE A 2 11.13 14.23 5.32
N MSE A 2 11.16 14.28 5.34
CA MSE A 2 9.81 14.46 5.91
CA MSE A 2 9.83 14.49 5.84
C MSE A 2 9.64 15.90 6.41
C MSE A 2 9.67 15.84 6.54
O MSE A 2 8.52 16.38 6.58
O MSE A 2 8.55 16.18 6.95
CB MSE A 2 9.54 13.51 7.11
CB MSE A 2 9.49 13.35 6.81
CG MSE A 2 9.31 12.00 6.83
CG MSE A 2 9.70 12.03 6.12
SE MSE A 2 8.29 11.56 5.23
SE MSE A 2 8.41 11.88 4.64
CE MSE A 2 6.64 12.37 5.67
CE MSE A 2 8.99 13.17 3.54
N HIS A 3 10.76 16.61 6.62
CA HIS A 3 10.72 17.97 7.14
C HIS A 3 11.18 18.98 6.09
N SER A 4 11.30 18.61 4.82
N SER A 4 11.24 18.60 4.81
CA SER A 4 11.65 19.59 3.81
CA SER A 4 11.53 19.57 3.77
C SER A 4 10.55 20.66 3.67
C SER A 4 10.50 20.70 3.71
N ALA A 5 10.95 21.93 3.51
CA ALA A 5 10.01 23.03 3.50
C ALA A 5 8.93 22.86 2.46
N ALA A 6 9.31 22.42 1.26
CA ALA A 6 8.35 22.28 0.18
C ALA A 6 7.29 21.24 0.51
N LEU A 7 7.68 20.16 1.19
CA LEU A 7 6.78 19.08 1.58
C LEU A 7 5.86 19.59 2.69
N LEU A 8 6.45 20.25 3.67
CA LEU A 8 5.64 20.73 4.80
C LEU A 8 4.59 21.76 4.39
N GLN A 9 4.83 22.50 3.29
N GLN A 9 4.82 22.52 3.29
CA GLN A 9 3.83 23.42 2.80
CA GLN A 9 3.79 23.43 2.75
C GLN A 9 2.55 22.73 2.36
C GLN A 9 2.48 22.68 2.51
N LYS A 10 2.58 21.40 2.19
CA LYS A 10 1.41 20.63 1.81
C LYS A 10 0.51 20.17 2.95
N VAL A 11 0.98 20.34 4.19
N VAL A 11 0.98 20.30 4.19
CA VAL A 11 0.31 19.71 5.33
CA VAL A 11 0.25 19.65 5.30
C VAL A 11 -1.14 20.13 5.51
C VAL A 11 -1.21 20.12 5.40
N ASP A 12 -1.42 21.41 5.27
CA ASP A 12 -2.79 21.93 5.41
C ASP A 12 -3.61 21.80 4.15
N GLU A 13 -3.03 21.17 3.14
CA GLU A 13 -3.74 20.88 1.91
C GLU A 13 -4.19 19.44 1.77
N LEU A 14 -3.71 18.56 2.63
CA LEU A 14 -3.97 17.16 2.46
C LEU A 14 -5.46 16.88 2.71
N PRO A 15 -5.96 15.84 2.09
CA PRO A 15 -7.32 15.46 2.34
C PRO A 15 -7.53 15.02 3.78
N ARG A 16 -8.70 15.35 4.28
CA ARG A 16 -9.06 15.06 5.64
C ARG A 16 -10.05 13.92 5.66
N LEU A 17 -9.85 12.98 6.58
CA LEU A 17 -10.83 11.92 6.79
C LEU A 17 -12.06 12.46 7.50
N PRO A 18 -13.24 11.94 7.13
CA PRO A 18 -14.44 12.23 7.93
C PRO A 18 -14.23 11.72 9.34
N LYS A 19 -14.78 12.46 10.32
CA LYS A 19 -14.64 12.09 11.71
C LYS A 19 -14.88 10.60 11.98
N ALA A 20 -15.97 10.04 11.45
CA ALA A 20 -16.30 8.64 11.81
C ALA A 20 -15.29 7.69 11.25
N ILE A 21 -14.69 8.02 10.10
CA ILE A 21 -13.67 7.16 9.53
C ILE A 21 -12.34 7.25 10.32
N ALA A 22 -11.94 8.45 10.69
CA ALA A 22 -10.81 8.65 11.56
C ALA A 22 -10.99 7.86 12.86
N GLU A 23 -12.22 7.90 13.39
CA GLU A 23 -12.46 7.19 14.67
C GLU A 23 -12.39 5.70 14.44
N LEU A 24 -12.95 5.24 13.31
CA LEU A 24 -12.83 3.80 12.95
C LEU A 24 -11.38 3.33 12.83
N LEU A 25 -10.56 4.11 12.14
CA LEU A 25 -9.15 3.78 11.96
C LEU A 25 -8.43 3.76 13.32
N ASP A 26 -8.85 4.66 14.23
CA ASP A 26 -8.29 4.72 15.59
C ASP A 26 -8.57 3.39 16.24
N VAL A 27 -9.82 2.95 16.20
CA VAL A 27 -10.19 1.69 16.78
C VAL A 27 -9.46 0.50 16.17
N VAL A 28 -9.43 0.36 14.85
N VAL A 28 -9.46 0.44 14.85
CA VAL A 28 -8.81 -0.85 14.24
CA VAL A 28 -8.88 -0.69 14.15
C VAL A 28 -7.28 -0.78 14.11
C VAL A 28 -7.37 -0.77 14.34
N ASN A 29 -6.70 0.39 14.28
CA ASN A 29 -5.21 0.49 14.39
C ASN A 29 -4.74 0.18 15.80
N ASN A 30 -5.65 0.19 16.78
CA ASN A 30 -5.35 -0.11 18.17
C ASN A 30 -5.45 -1.60 18.46
N GLU A 31 -4.27 -2.26 18.57
CA GLU A 31 -4.24 -3.69 18.83
C GLU A 31 -4.99 -4.10 20.09
N ASP A 32 -5.27 -3.17 20.99
N ASP A 32 -5.26 -3.13 20.96
CA ASP A 32 -6.01 -3.51 22.20
CA ASP A 32 -5.99 -3.35 22.20
C ASP A 32 -7.53 -3.23 22.11
C ASP A 32 -7.51 -3.28 22.07
N SER A 33 -8.02 -2.79 20.95
CA SER A 33 -9.48 -2.72 20.76
C SER A 33 -10.09 -4.10 20.77
N THR A 34 -11.25 -4.21 21.41
CA THR A 34 -12.01 -5.46 21.50
C THR A 34 -12.74 -5.78 20.21
N VAL A 35 -13.12 -7.04 20.07
CA VAL A 35 -13.95 -7.48 18.94
C VAL A 35 -15.27 -6.72 18.91
N LYS A 36 -15.88 -6.55 20.08
CA LYS A 36 -17.10 -5.75 20.24
C LYS A 36 -16.91 -4.32 19.72
N ALA A 37 -15.80 -3.70 20.10
CA ALA A 37 -15.56 -2.31 19.75
C ALA A 37 -15.47 -2.16 18.24
N VAL A 38 -14.72 -3.06 17.61
CA VAL A 38 -14.54 -3.01 16.15
C VAL A 38 -15.86 -3.30 15.42
N SER A 39 -16.56 -4.36 15.88
CA SER A 39 -17.86 -4.74 15.28
C SER A 39 -18.90 -3.66 15.44
N GLU A 40 -19.02 -3.11 16.65
CA GLU A 40 -19.99 -2.05 16.86
C GLU A 40 -19.68 -0.85 15.96
N LYS A 41 -18.42 -0.44 15.87
CA LYS A 41 -18.10 0.77 15.08
C LYS A 41 -18.48 0.55 13.61
N LEU A 42 -18.15 -0.63 13.09
N LEU A 42 -18.16 -0.63 13.11
CA LEU A 42 -18.45 -0.96 11.69
CA LEU A 42 -18.38 -0.98 11.72
C LEU A 42 -19.92 -1.06 11.43
C LEU A 42 -19.88 -1.14 11.42
N SER A 43 -20.66 -1.56 12.42
CA SER A 43 -22.14 -1.70 12.26
C SER A 43 -22.83 -0.39 11.84
N HIS A 44 -22.26 0.76 12.18
CA HIS A 44 -22.84 2.05 11.80
C HIS A 44 -22.49 2.49 10.37
N ASP A 45 -21.68 1.71 9.66
CA ASP A 45 -21.30 2.08 8.29
C ASP A 45 -21.51 0.83 7.43
N PRO A 46 -22.78 0.58 7.06
CA PRO A 46 -23.09 -0.60 6.27
C PRO A 46 -22.42 -0.57 4.89
N VAL A 47 -22.18 0.61 4.30
CA VAL A 47 -21.53 0.69 2.99
C VAL A 47 -20.07 0.23 3.08
N LEU A 48 -19.34 0.78 4.06
N LEU A 48 -19.34 0.78 4.06
CA LEU A 48 -17.98 0.34 4.27
CA LEU A 48 -17.97 0.34 4.30
C LEU A 48 -17.93 -1.14 4.68
C LEU A 48 -17.94 -1.14 4.68
N SER A 49 -18.84 -1.58 5.55
CA SER A 49 -18.92 -3.01 5.93
C SER A 49 -19.11 -3.95 4.73
N ALA A 50 -20.00 -3.56 3.82
CA ALA A 50 -20.23 -4.33 2.59
C ALA A 50 -18.96 -4.43 1.78
N ARG A 51 -18.22 -3.34 1.71
N ARG A 51 -18.21 -3.34 1.70
CA ARG A 51 -16.94 -3.32 0.97
CA ARG A 51 -16.96 -3.38 0.96
C ARG A 51 -15.94 -4.26 1.64
C ARG A 51 -15.95 -4.30 1.65
N VAL A 52 -15.88 -4.23 2.98
CA VAL A 52 -15.01 -5.15 3.71
C VAL A 52 -15.33 -6.60 3.36
N LEU A 53 -16.61 -6.93 3.36
CA LEU A 53 -17.00 -8.30 3.09
C LEU A 53 -16.74 -8.72 1.64
N ARG A 54 -16.90 -7.81 0.67
CA ARG A 54 -16.52 -8.12 -0.70
C ARG A 54 -15.04 -8.44 -0.85
N LEU A 55 -14.21 -7.68 -0.12
CA LEU A 55 -12.77 -7.97 -0.11
C LEU A 55 -12.51 -9.30 0.57
N ALA A 56 -13.24 -9.58 1.63
CA ALA A 56 -13.06 -10.81 2.38
C ALA A 56 -13.52 -12.02 1.58
N ASN A 57 -14.46 -11.83 0.64
CA ASN A 57 -14.90 -12.93 -0.20
C ASN A 57 -14.11 -13.13 -1.52
N SER A 58 -13.07 -12.35 -1.75
N SER A 58 -13.07 -12.35 -1.74
CA SER A 58 -12.25 -12.54 -2.94
CA SER A 58 -12.21 -12.52 -2.91
C SER A 58 -11.34 -13.80 -2.92
C SER A 58 -11.41 -13.83 -2.94
N ALA A 59 -11.28 -14.50 -1.78
CA ALA A 59 -10.38 -15.69 -1.57
C ALA A 59 -8.93 -15.52 -2.06
N GLU A 66 -17.50 -18.73 2.94
CA GLU A 66 -18.01 -17.50 2.29
C GLU A 66 -18.77 -16.63 3.32
N VAL A 67 -18.11 -15.58 3.83
CA VAL A 67 -18.68 -14.75 4.91
C VAL A 67 -19.73 -13.75 4.40
N GLY A 68 -20.84 -13.67 5.13
CA GLY A 68 -21.95 -12.78 4.82
C GLY A 68 -22.15 -11.66 5.81
N THR A 69 -21.51 -11.75 6.99
CA THR A 69 -21.55 -10.68 7.97
C THR A 69 -20.16 -10.44 8.58
N ILE A 70 -19.99 -9.28 9.21
CA ILE A 70 -18.76 -8.93 9.93
C ILE A 70 -18.56 -9.84 11.14
N ASP A 71 -19.63 -10.12 11.89
CA ASP A 71 -19.54 -11.06 13.02
C ASP A 71 -18.97 -12.39 12.54
N ASP A 72 -19.43 -12.79 11.37
CA ASP A 72 -18.96 -13.97 10.66
C ASP A 72 -17.48 -13.88 10.34
N ALA A 73 -17.10 -12.81 9.64
CA ALA A 73 -15.69 -12.59 9.27
C ALA A 73 -14.76 -12.61 10.50
N VAL A 74 -15.17 -12.02 11.62
CA VAL A 74 -14.32 -12.01 12.83
C VAL A 74 -13.93 -13.44 13.21
N VAL A 75 -14.89 -14.35 13.09
CA VAL A 75 -14.66 -15.77 13.38
C VAL A 75 -13.99 -16.52 12.22
N ARG A 76 -14.47 -16.36 10.99
CA ARG A 76 -13.87 -17.06 9.85
C ARG A 76 -12.43 -16.61 9.53
N LEU A 77 -12.14 -15.31 9.62
CA LEU A 77 -10.82 -14.81 9.18
C LEU A 77 -9.88 -14.41 10.31
N GLY A 78 -10.43 -14.15 11.49
CA GLY A 78 -9.65 -13.70 12.63
C GLY A 78 -9.56 -12.19 12.58
N MSE A 79 -9.32 -11.55 13.71
CA MSE A 79 -9.33 -10.11 13.68
C MSE A 79 -8.14 -9.45 13.03
O MSE A 79 -8.29 -8.34 12.50
CB MSE A 79 -9.50 -9.45 15.02
CG MSE A 79 -10.16 -8.06 14.75
SE MSE A 79 -11.63 -8.02 15.82
CE MSE A 79 -10.77 -6.86 17.17
N GLN A 80 -6.96 -10.07 13.08
CA GLN A 80 -5.80 -9.46 12.50
C GLN A 80 -6.11 -9.22 11.01
N THR A 81 -6.69 -10.21 10.34
CA THR A 81 -7.09 -10.05 8.95
C THR A 81 -8.22 -9.05 8.78
N LEU A 82 -9.25 -9.14 9.62
CA LEU A 82 -10.40 -8.21 9.54
C LEU A 82 -9.93 -6.76 9.65
N ARG A 83 -9.08 -6.48 10.63
CA ARG A 83 -8.58 -5.11 10.81
C ARG A 83 -7.95 -4.62 9.53
N THR A 84 -7.18 -5.48 8.91
N THR A 84 -7.12 -5.43 8.85
CA THR A 84 -6.47 -5.13 7.75
CA THR A 84 -6.47 -4.93 7.60
C THR A 84 -7.43 -4.76 6.60
C THR A 84 -7.46 -4.70 6.49
N LEU A 85 -8.50 -5.53 6.42
CA LEU A 85 -9.50 -5.28 5.41
C LEU A 85 -10.33 -4.04 5.68
N VAL A 86 -10.55 -3.74 6.97
CA VAL A 86 -11.23 -2.48 7.35
C VAL A 86 -10.36 -1.31 6.95
N ILE A 87 -9.06 -1.39 7.27
CA ILE A 87 -8.14 -0.32 6.91
C ILE A 87 -8.19 -0.10 5.42
N ALA A 88 -8.01 -1.19 4.65
CA ALA A 88 -8.08 -1.09 3.20
C ALA A 88 -9.34 -0.44 2.69
N SER A 89 -10.48 -0.87 3.25
CA SER A 89 -11.79 -0.39 2.78
C SER A 89 -11.96 1.09 3.12
N ALA A 90 -11.47 1.47 4.28
CA ALA A 90 -11.54 2.88 4.69
C ALA A 90 -10.69 3.78 3.79
N VAL A 91 -9.45 3.36 3.54
CA VAL A 91 -8.57 4.11 2.69
C VAL A 91 -9.13 4.24 1.26
N VAL A 92 -9.61 3.15 0.70
CA VAL A 92 -10.22 3.15 -0.64
C VAL A 92 -11.38 4.14 -0.69
N GLY A 93 -12.21 4.16 0.35
CA GLY A 93 -13.36 5.07 0.40
C GLY A 93 -12.97 6.53 0.50
N ALA A 94 -11.81 6.82 1.07
CA ALA A 94 -11.34 8.17 1.26
C ALA A 94 -10.61 8.63 -0.01
N VAL A 95 -10.41 7.76 -1.01
CA VAL A 95 -9.74 8.21 -2.29
C VAL A 95 -10.72 8.45 -3.45
N PRO A 96 -10.83 9.73 -3.88
CA PRO A 96 -11.74 10.17 -4.96
C PRO A 96 -11.33 9.70 -6.35
N LYS A 97 -12.19 9.93 -7.34
CA LYS A 97 -11.75 9.78 -8.73
C LYS A 97 -10.56 10.74 -8.93
N VAL A 98 -9.65 10.29 -9.79
CA VAL A 98 -8.48 11.04 -10.18
C VAL A 98 -8.42 10.93 -11.66
N GLU A 99 -8.38 12.08 -12.34
N GLU A 99 -8.38 12.07 -12.32
CA GLU A 99 -8.27 12.11 -13.81
CA GLU A 99 -8.24 12.11 -13.77
C GLU A 99 -7.16 11.21 -14.28
C GLU A 99 -7.14 11.21 -14.27
N GLY A 100 -7.44 10.44 -15.31
CA GLY A 100 -6.47 9.54 -15.91
C GLY A 100 -6.22 8.21 -15.19
N PHE A 101 -6.99 7.93 -14.15
CA PHE A 101 -6.84 6.66 -13.44
C PHE A 101 -8.12 5.90 -13.45
N ASP A 102 -8.02 4.61 -13.71
CA ASP A 102 -9.10 3.71 -13.42
C ASP A 102 -8.82 3.20 -12.03
N LEU A 103 -9.73 3.46 -11.13
CA LEU A 103 -9.50 3.06 -9.76
C LEU A 103 -9.50 1.52 -9.52
N ALA A 104 -10.32 0.73 -10.25
CA ALA A 104 -10.18 -0.73 -10.16
C ALA A 104 -8.77 -1.19 -10.54
N ASP A 105 -8.18 -0.61 -11.57
N ASP A 105 -8.17 -0.59 -11.55
CA ASP A 105 -6.82 -0.96 -11.99
CA ASP A 105 -6.81 -0.94 -11.97
C ASP A 105 -5.79 -0.46 -10.95
C ASP A 105 -5.79 -0.46 -10.94
N PHE A 106 -5.96 0.78 -10.50
CA PHE A 106 -5.06 1.39 -9.50
C PHE A 106 -5.04 0.53 -8.27
N TRP A 107 -6.24 0.28 -7.72
CA TRP A 107 -6.30 -0.51 -6.50
C TRP A 107 -5.92 -1.96 -6.72
N GLY A 108 -6.24 -2.52 -7.88
CA GLY A 108 -5.78 -3.86 -8.20
C GLY A 108 -4.26 -3.97 -8.08
N ASN A 109 -3.56 -3.03 -8.68
CA ASN A 109 -2.10 -3.07 -8.62
C ASN A 109 -1.60 -2.92 -7.18
N THR A 110 -2.24 -2.00 -6.45
CA THR A 110 -1.90 -1.80 -5.08
C THR A 110 -2.09 -3.05 -4.22
N PHE A 111 -3.20 -3.74 -4.39
N PHE A 111 -3.20 -3.73 -4.40
CA PHE A 111 -3.43 -5.00 -3.68
CA PHE A 111 -3.45 -4.96 -3.67
C PHE A 111 -2.42 -6.07 -4.06
C PHE A 111 -2.51 -6.11 -4.09
N GLU A 112 -2.05 -6.11 -5.34
CA GLU A 112 -1.01 -7.07 -5.80
C GLU A 112 0.26 -6.83 -5.01
N VAL A 113 0.66 -5.56 -4.92
CA VAL A 113 1.83 -5.19 -4.14
C VAL A 113 1.64 -5.55 -2.67
N ALA A 114 0.49 -5.22 -2.10
CA ALA A 114 0.20 -5.57 -0.71
C ALA A 114 0.28 -7.04 -0.41
N ILE A 115 -0.29 -7.85 -1.30
CA ILE A 115 -0.24 -9.31 -1.13
C ILE A 115 1.19 -9.85 -1.16
N ILE A 116 1.96 -9.34 -2.10
CA ILE A 116 3.37 -9.70 -2.21
C ILE A 116 4.13 -9.29 -0.95
N CYS A 117 3.93 -8.04 -0.48
CA CYS A 117 4.61 -7.61 0.74
C CYS A 117 4.30 -8.52 1.96
N GLN A 118 3.05 -8.90 2.10
N GLN A 118 3.05 -8.90 2.11
CA GLN A 118 2.63 -9.76 3.19
CA GLN A 118 2.66 -9.75 3.20
C GLN A 118 3.41 -11.09 3.20
C GLN A 118 3.41 -11.09 3.22
N GLU A 119 3.62 -11.66 2.03
CA GLU A 119 4.39 -12.89 1.87
C GLU A 119 5.86 -12.65 2.23
N LEU A 120 6.40 -11.52 1.76
CA LEU A 120 7.79 -11.20 2.12
C LEU A 120 7.96 -11.07 3.63
N ALA A 121 6.99 -10.41 4.30
CA ALA A 121 7.02 -10.25 5.74
C ALA A 121 7.02 -11.59 6.49
N LYS A 122 6.20 -12.50 6.00
CA LYS A 122 6.16 -13.85 6.56
C LYS A 122 7.54 -14.47 6.54
N ARG A 123 8.22 -14.32 5.41
CA ARG A 123 9.57 -14.83 5.25
C ARG A 123 10.65 -14.13 6.08
N LEU A 124 10.49 -12.82 6.25
CA LEU A 124 11.41 -12.03 7.04
C LEU A 124 11.11 -12.11 8.55
N GLY A 125 9.98 -12.70 8.93
CA GLY A 125 9.60 -12.77 10.32
C GLY A 125 9.03 -11.46 10.90
N THR A 126 8.55 -10.56 10.04
CA THR A 126 7.88 -9.32 10.50
C THR A 126 6.37 -9.52 10.42
N LEU A 127 5.58 -8.55 10.94
N LEU A 127 5.59 -8.55 10.93
CA LEU A 127 4.13 -8.73 10.99
CA LEU A 127 4.13 -8.69 11.00
C LEU A 127 3.56 -8.65 9.57
C LEU A 127 3.49 -8.59 9.61
N PRO A 128 2.88 -9.69 9.11
CA PRO A 128 2.45 -9.68 7.71
C PRO A 128 1.37 -8.65 7.43
N GLU A 129 0.51 -8.38 8.41
CA GLU A 129 -0.56 -7.40 8.25
C GLU A 129 0.00 -5.97 8.17
N GLU A 130 1.13 -5.69 8.84
CA GLU A 130 1.76 -4.40 8.70
C GLU A 130 2.26 -4.18 7.28
N ALA A 131 2.87 -5.21 6.68
CA ALA A 131 3.37 -5.10 5.32
C ALA A 131 2.25 -4.95 4.33
N PHE A 132 1.17 -5.68 4.56
CA PHE A 132 -0.01 -5.54 3.69
C PHE A 132 -0.50 -4.06 3.71
N THR A 133 -0.59 -3.50 4.92
CA THR A 133 -1.07 -2.14 5.04
C THR A 133 -0.16 -1.13 4.37
N CYS A 134 1.14 -1.34 4.50
CA CYS A 134 2.11 -0.51 3.84
C CYS A 134 1.86 -0.55 2.31
N GLY A 135 1.63 -1.74 1.76
CA GLY A 135 1.24 -1.86 0.38
C GLY A 135 -0.02 -1.08 0.02
N ILE A 136 -1.04 -1.15 0.86
CA ILE A 136 -2.29 -0.41 0.61
C ILE A 136 -2.02 1.06 0.48
N LEU A 137 -1.10 1.58 1.28
CA LEU A 137 -0.84 3.03 1.36
C LEU A 137 0.21 3.52 0.36
N HIS A 138 0.96 2.59 -0.25
CA HIS A 138 2.23 3.03 -0.84
C HIS A 138 2.15 3.96 -2.01
N SER A 139 1.08 3.88 -2.79
CA SER A 139 1.01 4.61 -4.05
C SER A 139 0.04 5.78 -4.01
N ILE A 140 -0.51 6.09 -2.84
CA ILE A 140 -1.51 7.16 -2.81
C ILE A 140 -0.91 8.54 -3.17
N GLY A 141 0.38 8.74 -2.91
CA GLY A 141 1.03 10.00 -3.24
C GLY A 141 0.95 10.29 -4.74
N GLU A 142 0.99 9.27 -5.58
N GLU A 142 0.98 9.25 -5.56
CA GLU A 142 0.80 9.42 -7.04
CA GLU A 142 0.85 9.44 -7.01
C GLU A 142 -0.51 10.20 -7.29
C GLU A 142 -0.49 10.12 -7.36
N LEU A 143 -1.57 9.71 -6.67
CA LEU A 143 -2.90 10.32 -6.80
C LEU A 143 -2.97 11.74 -6.25
N LEU A 144 -2.30 11.98 -5.12
CA LEU A 144 -2.35 13.27 -4.51
C LEU A 144 -1.70 14.30 -5.46
N ILE A 145 -0.59 13.95 -6.09
CA ILE A 145 0.09 14.88 -7.02
C ILE A 145 -0.78 15.24 -8.22
N VAL A 146 -1.42 14.23 -8.80
CA VAL A 146 -2.34 14.51 -9.92
C VAL A 146 -3.46 15.43 -9.52
N ASN A 147 -4.06 15.17 -8.36
CA ASN A 147 -5.15 16.01 -7.89
C ASN A 147 -4.75 17.38 -7.41
N GLY A 148 -3.58 17.49 -6.79
CA GLY A 148 -3.16 18.73 -6.21
C GLY A 148 -2.41 19.63 -7.11
N ASP A 149 -1.73 19.03 -8.09
CA ASP A 149 -0.91 19.78 -9.03
C ASP A 149 -1.13 19.24 -10.46
N PRO A 150 -2.36 19.39 -10.97
CA PRO A 150 -2.66 18.72 -12.26
C PRO A 150 -1.74 19.09 -13.41
N ALA A 151 -1.45 20.38 -13.53
CA ALA A 151 -0.63 20.85 -14.63
C ALA A 151 0.81 20.28 -14.56
N VAL A 152 1.42 20.42 -13.39
CA VAL A 152 2.73 19.84 -13.14
C VAL A 152 2.75 18.33 -13.37
N ALA A 153 1.74 17.60 -12.87
CA ALA A 153 1.67 16.18 -13.09
C ALA A 153 1.68 15.81 -14.55
N ALA A 154 0.92 16.53 -15.36
CA ALA A 154 0.90 16.27 -16.77
C ALA A 154 2.26 16.56 -17.45
N THR A 155 2.85 17.68 -17.05
CA THR A 155 4.18 18.07 -17.55
C THR A 155 5.20 16.99 -17.20
N ILE A 156 5.07 16.44 -15.99
CA ILE A 156 6.00 15.38 -15.57
C ILE A 156 5.79 14.13 -16.41
N SER A 157 4.53 13.75 -16.62
CA SER A 157 4.26 12.55 -17.43
C SER A 157 4.76 12.66 -18.84
N ALA A 158 4.67 13.86 -19.41
CA ALA A 158 5.20 14.06 -20.76
C ALA A 158 6.73 13.88 -20.78
N ALA A 159 7.41 14.41 -19.76
CA ALA A 159 8.88 14.27 -19.64
C ALA A 159 9.27 12.78 -19.45
N VAL A 160 8.48 12.11 -18.61
CA VAL A 160 8.68 10.70 -18.37
C VAL A 160 8.52 9.87 -19.62
N ALA A 161 7.60 10.27 -20.49
CA ALA A 161 7.41 9.60 -21.77
C ALA A 161 8.65 9.72 -22.70
N ASP A 162 9.45 10.78 -22.48
CA ASP A 162 10.68 11.04 -23.17
C ASP A 162 11.92 10.58 -22.38
N GLY A 163 11.69 9.76 -21.36
CA GLY A 163 12.78 9.11 -20.67
C GLY A 163 13.19 9.69 -19.32
N ALA A 164 12.57 10.76 -18.84
CA ALA A 164 12.98 11.34 -17.58
C ALA A 164 12.50 10.44 -16.43
N ASP A 165 13.16 10.55 -15.29
CA ASP A 165 12.76 9.83 -14.08
C ASP A 165 11.66 10.58 -13.40
N ARG A 166 10.51 9.93 -13.19
CA ARG A 166 9.35 10.58 -12.57
C ARG A 166 9.65 11.20 -11.20
N ASN A 167 10.31 10.44 -10.33
CA ASN A 167 10.58 10.92 -8.96
C ASN A 167 11.51 12.11 -8.93
N LEU A 168 12.53 12.09 -9.81
CA LEU A 168 13.42 13.23 -9.93
C LEU A 168 12.70 14.44 -10.50
N MSE A 169 11.85 14.23 -11.52
CA MSE A 169 11.03 15.32 -12.02
C MSE A 169 10.13 15.96 -10.98
O MSE A 169 10.01 17.16 -10.93
CB MSE A 169 10.20 14.82 -13.19
CG MSE A 169 10.96 14.62 -14.44
SE MSE A 169 11.58 16.24 -15.33
CE MSE A 169 9.82 17.06 -15.63
N GLU A 170 9.49 15.14 -10.15
CA GLU A 170 8.68 15.65 -9.07
C GLU A 170 9.51 16.52 -8.12
N LYS A 171 10.68 16.04 -7.69
CA LYS A 171 11.54 16.89 -6.89
C LYS A 171 11.90 18.21 -7.50
N GLU A 172 12.21 18.20 -8.79
CA GLU A 172 12.53 19.42 -9.45
C GLU A 172 11.41 20.38 -9.45
N LEU A 173 10.19 19.98 -9.83
CA LEU A 173 9.12 20.93 -10.04
C LEU A 173 8.27 21.20 -8.79
N LEU A 174 8.26 20.27 -7.86
CA LEU A 174 7.44 20.36 -6.63
C LEU A 174 8.28 20.52 -5.37
N GLY A 175 9.51 20.04 -5.37
CA GLY A 175 10.37 20.06 -4.19
C GLY A 175 10.19 18.84 -3.30
N TYR A 176 9.36 17.88 -3.72
CA TYR A 176 9.19 16.61 -3.03
C TYR A 176 8.72 15.61 -4.06
N ASP A 177 8.72 14.31 -3.72
CA ASP A 177 8.22 13.30 -4.65
C ASP A 177 7.00 12.55 -4.11
N ASN A 178 6.49 11.68 -4.96
CA ASN A 178 5.24 11.00 -4.62
C ASN A 178 5.34 10.07 -3.37
N ALA A 179 6.52 9.56 -3.11
CA ALA A 179 6.76 8.70 -1.96
C ALA A 179 6.70 9.57 -0.69
N GLU A 180 7.30 10.75 -0.76
CA GLU A 180 7.34 11.67 0.39
C GLU A 180 5.93 12.18 0.73
N ILE A 181 5.14 12.59 -0.28
CA ILE A 181 3.81 13.11 0.00
C ILE A 181 2.87 11.97 0.40
N GLY A 182 3.03 10.77 -0.13
CA GLY A 182 2.29 9.61 0.33
C GLY A 182 2.62 9.29 1.79
N ALA A 183 3.87 9.42 2.14
CA ALA A 183 4.27 9.22 3.53
C ALA A 183 3.65 10.29 4.45
N LEU A 184 3.70 11.52 3.97
CA LEU A 184 3.10 12.65 4.72
C LEU A 184 1.63 12.42 4.94
N LEU A 185 0.91 11.93 3.95
CA LEU A 185 -0.54 11.59 4.08
C LEU A 185 -0.68 10.52 5.17
N ALA A 186 0.09 9.45 5.06
CA ALA A 186 -0.02 8.35 6.05
C ALA A 186 0.24 8.88 7.43
N GLN A 187 1.20 9.76 7.59
CA GLN A 187 1.52 10.36 8.88
C GLN A 187 0.31 11.19 9.36
N SER A 188 -0.25 12.00 8.46
CA SER A 188 -1.38 12.85 8.83
C SER A 188 -2.61 12.04 9.24
N TRP A 189 -2.80 10.89 8.61
CA TRP A 189 -3.89 10.00 8.85
C TRP A 189 -3.62 9.03 10.03
N LYS A 190 -2.53 9.27 10.71
CA LYS A 190 -2.22 8.67 12.02
C LYS A 190 -1.86 7.19 11.92
N PHE A 191 -1.20 6.82 10.80
CA PHE A 191 -0.54 5.54 10.71
C PHE A 191 0.80 5.57 11.42
N THR A 192 1.33 4.40 11.75
CA THR A 192 2.58 4.35 12.55
C THR A 192 3.78 4.86 11.83
N PRO A 193 4.78 5.33 12.59
CA PRO A 193 6.02 5.74 11.99
C PRO A 193 6.72 4.67 11.14
N HIS A 194 6.61 3.41 11.51
CA HIS A 194 7.16 2.36 10.67
C HIS A 194 6.56 2.37 9.26
N LEU A 195 5.24 2.48 9.19
CA LEU A 195 4.54 2.52 7.93
C LEU A 195 4.98 3.73 7.13
N VAL A 196 4.98 4.90 7.78
CA VAL A 196 5.38 6.16 7.13
C VAL A 196 6.78 6.03 6.50
N LYS A 197 7.71 5.50 7.26
CA LYS A 197 9.12 5.39 6.77
C LYS A 197 9.19 4.38 5.62
N GLY A 198 8.37 3.33 5.68
CA GLY A 198 8.34 2.33 4.55
C GLY A 198 7.92 2.99 3.27
N ILE A 199 6.82 3.76 3.33
CA ILE A 199 6.33 4.51 2.18
C ILE A 199 7.39 5.49 1.66
N GLN A 200 7.98 6.26 2.58
CA GLN A 200 8.94 7.30 2.26
C GLN A 200 10.13 6.77 1.43
N PHE A 201 10.63 5.59 1.82
CA PHE A 201 11.87 5.09 1.20
C PHE A 201 11.64 4.03 0.16
N GLN A 202 10.39 3.84 -0.30
CA GLN A 202 10.09 2.76 -1.23
C GLN A 202 10.98 2.73 -2.52
N ASN A 203 11.40 3.90 -2.98
CA ASN A 203 12.20 4.01 -4.24
C ASN A 203 13.70 4.01 -4.02
N HIS A 204 14.12 4.07 -2.75
N HIS A 204 14.16 4.21 -2.80
CA HIS A 204 15.51 4.10 -2.33
CA HIS A 204 15.56 4.05 -2.49
C HIS A 204 15.75 3.44 -1.03
C HIS A 204 15.76 3.46 -1.13
N PRO A 205 15.39 2.17 -0.94
CA PRO A 205 15.49 1.55 0.38
C PRO A 205 16.89 1.48 0.98
N LYS A 206 17.92 1.31 0.13
CA LYS A 206 19.23 1.22 0.68
C LYS A 206 19.78 2.56 1.23
N SER A 207 19.10 3.68 0.94
N SER A 207 19.11 3.68 0.91
CA SER A 207 19.52 4.98 1.48
CA SER A 207 19.49 5.00 1.46
C SER A 207 18.95 5.34 2.85
C SER A 207 19.13 5.17 2.94
N ALA A 208 18.07 4.50 3.39
CA ALA A 208 17.53 4.70 4.72
C ALA A 208 18.51 4.33 5.82
N GLU A 209 18.64 5.17 6.85
CA GLU A 209 19.52 4.90 7.96
C GLU A 209 18.80 5.14 9.26
N PRO A 210 18.55 4.10 10.06
CA PRO A 210 18.78 2.68 9.72
C PRO A 210 17.86 2.20 8.62
N TYR A 211 18.19 1.02 8.08
CA TYR A 211 17.38 0.43 7.04
C TYR A 211 15.96 0.16 7.46
N SER A 212 15.03 0.42 6.57
CA SER A 212 13.60 0.09 6.74
C SER A 212 13.29 -1.19 5.95
N LYS A 213 12.97 -2.25 6.69
CA LYS A 213 12.51 -3.48 5.99
C LYS A 213 11.25 -3.27 5.16
N LEU A 214 10.31 -2.47 5.68
CA LEU A 214 9.12 -2.20 4.91
C LEU A 214 9.40 -1.51 3.57
N ALA A 215 10.32 -0.56 3.55
CA ALA A 215 10.69 0.10 2.31
C ALA A 215 11.33 -0.91 1.36
N GLY A 216 12.14 -1.79 1.90
CA GLY A 216 12.78 -2.85 1.08
C GLY A 216 11.72 -3.76 0.49
N MSE A 217 10.77 -4.16 1.33
CA MSE A 217 9.64 -5.00 0.85
C MSE A 217 8.88 -4.30 -0.25
O MSE A 217 8.50 -4.92 -1.28
CB MSE A 217 8.67 -5.36 1.99
CG MSE A 217 9.21 -6.39 2.98
SE MSE A 217 7.99 -6.79 4.35
CE MSE A 217 8.85 -5.97 5.87
N LEU A 218 8.53 -3.01 -0.04
CA LEU A 218 7.83 -2.27 -1.07
C LEU A 218 8.62 -2.24 -2.37
N ALA A 219 9.91 -1.96 -2.26
CA ALA A 219 10.74 -1.86 -3.48
C ALA A 219 10.69 -3.18 -4.27
N MSE A 220 10.85 -4.27 -3.55
CA MSE A 220 10.85 -5.61 -4.13
C MSE A 220 9.49 -5.96 -4.73
O MSE A 220 9.36 -6.35 -5.90
CB MSE A 220 11.30 -6.63 -3.11
CG MSE A 220 11.20 -8.06 -3.61
SE MSE A 220 12.48 -9.16 -2.67
CE MSE A 220 12.39 -10.74 -3.85
N ALA A 221 8.43 -5.73 -3.95
CA ALA A 221 7.05 -6.07 -4.32
C ALA A 221 6.62 -5.25 -5.55
N LYS A 222 6.99 -3.97 -5.58
CA LYS A 222 6.65 -3.12 -6.72
C LYS A 222 7.27 -3.60 -8.04
N GLN A 223 8.53 -3.99 -7.95
CA GLN A 223 9.26 -4.49 -9.11
C GLN A 223 8.67 -5.81 -9.58
N ILE A 224 8.29 -6.67 -8.65
CA ILE A 224 7.70 -7.96 -8.98
C ILE A 224 6.38 -7.74 -9.68
N ALA A 225 5.58 -6.82 -9.12
CA ALA A 225 4.25 -6.55 -9.69
C ALA A 225 4.41 -5.94 -11.08
N ALA A 226 5.33 -5.00 -11.22
CA ALA A 226 5.49 -4.25 -12.47
C ALA A 226 5.99 -5.12 -13.62
N ASP A 227 6.94 -5.97 -13.32
CA ASP A 227 7.67 -6.64 -14.39
C ASP A 227 7.31 -8.11 -14.52
N TRP A 228 6.37 -8.61 -13.76
CA TRP A 228 6.02 -10.04 -13.75
C TRP A 228 5.83 -10.58 -15.18
N ASP A 229 5.06 -9.84 -15.97
CA ASP A 229 4.75 -10.31 -17.32
C ASP A 229 5.88 -10.24 -18.31
N LYS A 230 7.01 -9.66 -17.95
CA LYS A 230 8.16 -9.56 -18.79
C LYS A 230 9.11 -10.76 -18.60
N ILE A 231 8.87 -11.60 -17.58
CA ILE A 231 9.84 -12.64 -17.20
C ILE A 231 9.30 -14.04 -17.53
N PRO A 232 10.06 -14.84 -18.29
CA PRO A 232 9.56 -16.19 -18.54
C PRO A 232 9.24 -16.95 -17.25
N ASP A 233 8.22 -17.81 -17.30
CA ASP A 233 7.73 -18.50 -16.10
C ASP A 233 8.75 -19.45 -15.50
N ASP A 234 9.76 -19.83 -16.29
CA ASP A 234 10.84 -20.72 -15.85
C ASP A 234 12.18 -20.03 -15.51
N GLU A 235 12.16 -18.69 -15.37
CA GLU A 235 13.37 -17.93 -15.05
C GLU A 235 13.08 -16.91 -13.94
N ARG A 236 12.15 -17.23 -13.06
N ARG A 236 12.15 -17.28 -13.06
CA ARG A 236 11.77 -16.24 -12.03
CA ARG A 236 11.62 -16.37 -12.04
C ARG A 236 12.63 -16.18 -10.76
C ARG A 236 12.50 -16.23 -10.77
N THR A 237 13.16 -17.31 -10.31
CA THR A 237 13.93 -17.25 -9.04
C THR A 237 15.22 -16.42 -9.22
N SER A 238 15.89 -16.52 -10.37
CA SER A 238 17.07 -15.71 -10.63
C SER A 238 16.71 -14.25 -10.74
N TRP A 239 15.51 -13.97 -11.28
CA TRP A 239 15.00 -12.59 -11.30
C TRP A 239 14.78 -12.08 -9.88
N LEU A 240 14.11 -12.88 -9.07
CA LEU A 240 13.84 -12.51 -7.70
C LEU A 240 15.14 -12.28 -6.94
N ALA A 241 16.13 -13.14 -7.20
CA ALA A 241 17.45 -13.01 -6.56
C ALA A 241 18.07 -11.62 -6.85
N GLN A 242 17.92 -11.13 -8.08
CA GLN A 242 18.49 -9.84 -8.47
C GLN A 242 17.73 -8.74 -7.76
N ILE A 243 16.41 -8.92 -7.61
CA ILE A 243 15.58 -7.91 -6.95
C ILE A 243 15.90 -7.83 -5.45
N ASN A 244 16.09 -8.97 -4.83
N ASN A 244 16.12 -8.97 -4.82
CA ASN A 244 16.55 -9.05 -3.44
CA ASN A 244 16.58 -8.99 -3.41
C ASN A 244 17.76 -8.14 -3.18
C ASN A 244 17.77 -8.10 -3.18
N ILE A 245 18.76 -8.21 -4.08
CA ILE A 245 19.95 -7.37 -4.04
C ILE A 245 19.68 -5.87 -4.28
N LEU A 246 18.94 -5.55 -5.32
CA LEU A 246 18.59 -4.16 -5.61
C LEU A 246 17.88 -3.58 -4.39
N ALA A 247 16.95 -4.34 -3.78
CA ALA A 247 16.18 -3.79 -2.66
C ALA A 247 16.87 -3.76 -1.33
N GLY A 248 17.83 -4.64 -1.12
CA GLY A 248 18.55 -4.79 0.13
C GLY A 248 17.90 -5.62 1.22
N ILE A 249 16.90 -6.44 0.86
N ILE A 249 16.94 -6.43 0.81
CA ILE A 249 15.91 -6.97 1.84
CA ILE A 249 16.28 -7.30 1.72
C ILE A 249 16.25 -8.41 2.36
C ILE A 249 16.79 -8.70 1.31
N LYS A 250 17.14 -9.10 1.66
N LYS A 250 17.05 -9.55 2.28
CA LYS A 250 17.61 -10.44 2.08
CA LYS A 250 17.45 -10.93 1.94
C LYS A 250 16.49 -11.42 2.39
C LYS A 250 16.28 -11.85 2.16
N VAL A 251 15.54 -11.63 1.47
N VAL A 251 15.17 -11.56 1.48
CA VAL A 251 14.43 -12.54 1.76
CA VAL A 251 14.02 -12.45 1.53
C VAL A 251 14.61 -13.94 1.18
C VAL A 251 14.56 -13.84 1.31
N ASP A 252 14.34 -14.92 2.05
N ASP A 252 13.84 -14.82 1.85
CA ASP A 252 14.40 -16.32 1.66
CA ASP A 252 14.09 -16.22 1.57
C ASP A 252 13.66 -16.54 0.32
C ASP A 252 13.55 -16.59 0.21
N LEU A 253 14.41 -17.01 -0.69
CA LEU A 253 13.94 -17.24 -2.02
C LEU A 253 13.34 -18.63 -2.23
N GLY A 254 13.50 -19.51 -1.24
CA GLY A 254 13.07 -20.90 -1.39
C GLY A 254 11.56 -21.03 -1.51
N GLY A 255 11.10 -21.51 -2.66
CA GLY A 255 9.67 -21.58 -2.95
C GLY A 255 8.98 -20.26 -3.23
N LEU A 256 9.72 -19.17 -3.31
CA LEU A 256 9.09 -17.85 -3.42
C LEU A 256 8.42 -17.65 -4.77
N ALA A 257 9.15 -17.97 -5.84
CA ALA A 257 8.56 -17.86 -7.17
C ALA A 257 7.26 -18.66 -7.28
N GLU A 258 7.27 -19.87 -6.74
N GLU A 258 7.26 -19.87 -6.73
CA GLU A 258 6.09 -20.74 -6.81
CA GLU A 258 6.09 -20.74 -6.86
C GLU A 258 4.91 -20.12 -6.05
C GLU A 258 4.92 -20.17 -6.03
N LYS A 259 5.22 -19.57 -4.88
CA LYS A 259 4.21 -18.95 -4.01
C LYS A 259 3.64 -17.72 -4.69
N LEU A 260 4.50 -16.87 -5.24
CA LEU A 260 4.06 -15.66 -5.92
C LEU A 260 3.17 -16.00 -7.12
N ALA A 261 3.51 -17.06 -7.84
CA ALA A 261 2.69 -17.48 -8.97
C ALA A 261 1.31 -17.92 -8.51
N LYS A 262 1.23 -18.62 -7.37
CA LYS A 262 -0.07 -19.04 -6.83
C LYS A 262 -0.95 -17.81 -6.57
N MSE A 263 -0.35 -16.74 -6.10
CA MSE A 263 -1.15 -15.56 -5.67
C MSE A 263 -1.33 -14.51 -6.74
O MSE A 263 -2.16 -13.57 -6.57
CB MSE A 263 -0.50 -14.96 -4.46
CG MSE A 263 -0.26 -16.00 -3.40
SE MSE A 263 0.11 -15.10 -1.78
CE MSE A 263 1.55 -14.16 -2.34
N HIS A 264 -0.59 -14.64 -7.83
CA HIS A 264 -0.59 -13.64 -8.87
C HIS A 264 -2.02 -13.42 -9.37
N GLY A 265 -2.42 -12.16 -9.40
CA GLY A 265 -3.78 -11.79 -9.87
C GLY A 265 -4.84 -11.62 -8.79
N GLN A 266 -4.60 -12.18 -7.61
CA GLN A 266 -5.54 -12.09 -6.51
C GLN A 266 -5.74 -10.65 -6.10
N GLY A 267 -4.72 -9.81 -6.27
CA GLY A 267 -4.85 -8.37 -5.96
C GLY A 267 -5.73 -7.67 -6.98
N MSE A 268 -5.52 -7.99 -8.26
CA MSE A 268 -6.36 -7.44 -9.30
C MSE A 268 -7.82 -7.82 -9.09
O MSE A 268 -8.70 -7.00 -9.34
CB MSE A 268 -5.90 -7.91 -10.70
CG MSE A 268 -4.46 -7.50 -11.01
SE MSE A 268 -4.06 -5.57 -11.17
CE MSE A 268 -5.53 -4.92 -12.28
N GLU A 269 -8.08 -9.05 -8.64
N GLU A 269 -8.08 -9.06 -8.63
CA GLU A 269 -9.43 -9.50 -8.36
CA GLU A 269 -9.45 -9.50 -8.35
C GLU A 269 -10.01 -8.72 -7.18
C GLU A 269 -10.00 -8.68 -7.18
N MSE A 270 -9.18 -8.43 -6.17
CA MSE A 270 -9.63 -7.60 -5.03
C MSE A 270 -10.02 -6.21 -5.50
O MSE A 270 -11.06 -5.68 -5.08
CB MSE A 270 -8.60 -7.55 -3.92
CG MSE A 270 -8.56 -8.80 -3.09
SE MSE A 270 -7.04 -8.77 -1.90
CE MSE A 270 -7.94 -7.76 -0.54
N GLY A 271 -9.22 -5.64 -6.39
CA GLY A 271 -9.50 -4.32 -6.96
C GLY A 271 -10.85 -4.29 -7.67
N LYS A 272 -11.20 -5.36 -8.37
CA LYS A 272 -12.47 -5.43 -9.06
C LYS A 272 -13.68 -5.53 -8.09
N GLN A 273 -13.44 -5.99 -6.87
CA GLN A 273 -14.49 -6.14 -5.89
C GLN A 273 -14.81 -4.84 -5.16
N LEU A 274 -14.02 -3.79 -5.36
CA LEU A 274 -14.21 -2.57 -4.58
C LEU A 274 -15.55 -1.86 -4.86
N ALA A 275 -15.88 -1.78 -6.15
CA ALA A 275 -17.05 -1.04 -6.61
C ALA A 275 -18.34 -1.70 -6.14
C1 GOL B . 17.98 16.53 -10.71
C1 GOL B . 18.02 16.82 -10.52
O1 GOL B . 17.23 15.47 -11.28
O1 GOL B . 16.79 16.36 -11.12
C2 GOL B . 19.30 16.78 -11.43
C2 GOL B . 19.27 16.38 -11.27
O2 GOL B . 19.82 15.54 -11.87
O2 GOL B . 20.51 16.74 -10.64
C3 GOL B . 19.17 17.73 -12.61
C3 GOL B . 19.24 17.09 -12.62
O3 GOL B . 19.09 19.10 -12.24
O3 GOL B . 19.26 18.50 -12.40
#